data_9GZ5
#
_entry.id   9GZ5
#
_cell.length_a   48.265
_cell.length_b   61.744
_cell.length_c   49.481
_cell.angle_alpha   90.00
_cell.angle_beta   99.86
_cell.angle_gamma   90.00
#
_symmetry.space_group_name_H-M   'P 1 21 1'
#
loop_
_entity.id
_entity.type
_entity.pdbx_description
1 polymer 'Histone deacetylase'
2 non-polymer 'ZINC ION'
3 non-polymer GLYCEROL
4 non-polymer 'POTASSIUM ION'
5 non-polymer 1,2-ETHANEDIOL
6 non-polymer 'cis-5-dodecenoic acid'
7 water water
#
_entity_poly.entity_id   1
_entity_poly.type   'polypeptide(L)'
_entity_poly.pdbx_seq_one_letter_code
;GGGMEKHLERIGLVYHPDYNLDLGPHVFPARKYQMVYDLVKRDSKLSNLYIYKPDLAKTKDLSLVHTQEFLDDFFSLNIT
ERTQYSELPLTKQIVHSFVLAVGGTILSMELAQKYKFVYHIGGGFHHSMPDRAEGFCYLNDAAIASKLYQKEYPDKKILF
IDLDLHQGNGNSFIFQNDPDVFTFSMHQENLYPKKEKSDLDISLEEGIGDKEYLELLEKSLRKIESDFKPDLIFYIAGAD
PFEGDSLGDLKLTFQGLRKRDQIVRDFAYSLNDTRVVILPAGGYAKDFYDTVTIHYNTIKIFAAD
;
_entity_poly.pdbx_strand_id   A
#
# COMPACT_ATOMS: atom_id res chain seq x y z
N LYS A 6 -14.10 12.81 -18.83
CA LYS A 6 -14.46 14.12 -18.21
C LYS A 6 -15.39 14.01 -16.99
N HIS A 7 -15.87 12.79 -16.72
CA HIS A 7 -16.72 12.51 -15.54
C HIS A 7 -15.90 12.44 -14.24
N LEU A 8 -14.59 12.30 -14.39
CA LEU A 8 -13.67 11.92 -13.32
C LEU A 8 -13.57 13.00 -12.24
N GLU A 9 -13.68 12.58 -10.99
CA GLU A 9 -13.45 13.50 -9.88
C GLU A 9 -12.03 13.25 -9.42
N ARG A 10 -11.47 14.20 -8.68
CA ARG A 10 -10.05 14.12 -8.32
C ARG A 10 -9.75 12.96 -7.35
N ILE A 11 -10.43 12.94 -6.22
CA ILE A 11 -10.03 12.01 -5.15
C ILE A 11 -11.15 11.59 -4.25
N GLY A 12 -11.19 10.30 -3.94
CA GLY A 12 -12.10 9.75 -2.94
C GLY A 12 -11.28 8.93 -1.94
N LEU A 13 -11.88 8.66 -0.78
CA LEU A 13 -11.22 7.91 0.33
C LEU A 13 -11.98 6.64 0.66
N VAL A 14 -11.25 5.60 1.07
CA VAL A 14 -11.87 4.39 1.58
C VAL A 14 -11.39 4.14 3.00
N TYR A 15 -12.31 3.74 3.87
CA TYR A 15 -11.96 3.49 5.27
C TYR A 15 -13.00 2.64 5.95
N HIS A 16 -12.56 1.85 6.93
CA HIS A 16 -13.45 1.18 7.85
C HIS A 16 -12.87 1.29 9.25
N PRO A 17 -13.67 1.75 10.24
CA PRO A 17 -13.15 1.84 11.61
C PRO A 17 -12.69 0.49 12.23
N ASP A 18 -13.20 -0.63 11.72
CA ASP A 18 -12.78 -1.94 12.27
C ASP A 18 -11.38 -2.35 11.81
N TYR A 19 -10.75 -1.57 10.91
CA TYR A 19 -9.32 -1.81 10.65
C TYR A 19 -8.47 -1.72 11.91
N ASN A 20 -8.84 -0.80 12.80
CA ASN A 20 -8.01 -0.42 13.94
C ASN A 20 -7.99 -1.47 15.01
N LEU A 21 -6.78 -1.87 15.41
CA LEU A 21 -6.55 -2.82 16.48
C LEU A 21 -5.50 -2.32 17.44
N ASP A 22 -5.69 -2.62 18.72
CA ASP A 22 -4.63 -2.39 19.71
C ASP A 22 -3.76 -3.61 19.73
N LEU A 23 -2.55 -3.52 19.17
CA LEU A 23 -1.62 -4.66 19.18
C LEU A 23 -0.65 -4.62 20.36
N GLY A 24 -0.96 -3.80 21.37
CA GLY A 24 -0.16 -3.78 22.60
C GLY A 24 1.26 -3.33 22.35
N PRO A 25 2.26 -4.20 22.66
CA PRO A 25 3.65 -3.77 22.53
C PRO A 25 4.23 -3.89 21.10
N HIS A 26 3.47 -4.51 20.19
CA HIS A 26 3.93 -4.77 18.80
C HIS A 26 4.36 -3.46 18.16
N VAL A 27 5.37 -3.54 17.29
N VAL A 27 5.36 -3.52 17.29
CA VAL A 27 5.93 -2.36 16.62
CA VAL A 27 5.91 -2.30 16.64
C VAL A 27 4.94 -1.65 15.68
C VAL A 27 4.95 -1.65 15.67
N PHE A 28 4.00 -2.39 15.12
CA PHE A 28 3.11 -1.85 14.11
C PHE A 28 2.00 -0.99 14.74
N PRO A 29 1.90 0.29 14.31
CA PRO A 29 0.85 1.17 14.88
C PRO A 29 -0.51 0.94 14.25
N ALA A 30 -1.23 -0.10 14.70
CA ALA A 30 -2.46 -0.58 14.05
C ALA A 30 -3.66 0.28 14.36
N ARG A 31 -3.45 1.35 15.14
N ARG A 31 -3.46 1.34 15.15
CA ARG A 31 -4.51 2.40 15.31
CA ARG A 31 -4.47 2.39 15.33
C ARG A 31 -4.21 3.68 14.51
C ARG A 31 -4.16 3.68 14.57
N LYS A 32 -3.26 3.60 13.60
CA LYS A 32 -2.90 4.78 12.77
C LYS A 32 -4.09 5.22 11.92
N TYR A 33 -4.90 4.25 11.47
CA TYR A 33 -5.92 4.48 10.49
C TYR A 33 -6.97 5.46 10.98
N GLN A 34 -7.45 5.19 12.19
CA GLN A 34 -8.46 6.07 12.78
C GLN A 34 -7.92 7.48 12.97
N MET A 35 -6.65 7.64 13.26
CA MET A 35 -6.18 9.01 13.44
C MET A 35 -5.92 9.77 12.13
N VAL A 36 -5.53 9.04 11.09
CA VAL A 36 -5.40 9.63 9.76
C VAL A 36 -6.79 10.10 9.34
N TYR A 37 -7.78 9.22 9.53
CA TYR A 37 -9.19 9.51 9.25
C TYR A 37 -9.65 10.75 10.04
N ASP A 38 -9.25 10.83 11.31
CA ASP A 38 -9.67 11.94 12.16
C ASP A 38 -9.04 13.24 11.71
N LEU A 39 -7.77 13.21 11.30
CA LEU A 39 -7.14 14.43 10.75
C LEU A 39 -7.83 14.94 9.50
N VAL A 40 -8.33 14.02 8.69
CA VAL A 40 -9.09 14.35 7.53
C VAL A 40 -10.39 15.06 7.96
N LYS A 41 -11.08 14.45 8.93
CA LYS A 41 -12.38 14.97 9.38
C LYS A 41 -12.22 16.37 9.98
N ARG A 42 -11.07 16.62 10.59
CA ARG A 42 -10.78 17.88 11.26
C ARG A 42 -10.36 19.00 10.30
N ASP A 43 -10.02 18.63 9.07
N ASP A 43 -10.03 18.66 9.06
CA ASP A 43 -9.57 19.58 8.08
CA ASP A 43 -9.51 19.61 8.08
C ASP A 43 -10.78 20.10 7.28
C ASP A 43 -10.61 20.12 7.16
N SER A 44 -10.96 21.41 7.25
CA SER A 44 -12.11 21.97 6.50
C SER A 44 -12.07 21.71 4.99
N LYS A 45 -10.87 21.65 4.38
CA LYS A 45 -10.80 21.26 2.96
C LYS A 45 -11.10 19.76 2.72
N LEU A 46 -10.35 18.90 3.39
CA LEU A 46 -10.44 17.47 3.14
C LEU A 46 -11.69 16.80 3.68
N SER A 47 -12.25 17.35 4.76
CA SER A 47 -13.49 16.82 5.34
C SER A 47 -14.67 16.81 4.33
N ASN A 48 -14.47 17.49 3.18
CA ASN A 48 -15.44 17.53 2.05
C ASN A 48 -15.31 16.39 1.02
N LEU A 49 -14.25 15.62 1.11
CA LEU A 49 -14.13 14.41 0.25
C LEU A 49 -15.11 13.33 0.67
N TYR A 50 -15.54 12.54 -0.31
CA TYR A 50 -16.40 11.40 -0.02
C TYR A 50 -15.58 10.20 0.52
N ILE A 51 -16.16 9.55 1.51
CA ILE A 51 -15.55 8.38 2.17
C ILE A 51 -16.43 7.17 1.93
N TYR A 52 -15.83 6.10 1.43
CA TYR A 52 -16.56 4.87 1.13
C TYR A 52 -16.13 3.75 2.06
N LYS A 53 -17.10 2.99 2.54
CA LYS A 53 -16.86 1.92 3.53
C LYS A 53 -17.02 0.51 2.93
N PRO A 54 -15.98 -0.34 3.02
CA PRO A 54 -16.10 -1.66 2.41
C PRO A 54 -16.91 -2.65 3.27
N ASP A 55 -17.37 -3.71 2.60
CA ASP A 55 -17.76 -4.95 3.27
C ASP A 55 -16.59 -5.92 3.26
N LEU A 56 -16.73 -7.02 4.00
CA LEU A 56 -15.76 -8.10 3.97
C LEU A 56 -15.56 -8.59 2.55
N ALA A 57 -14.30 -8.76 2.14
CA ALA A 57 -13.99 -9.43 0.87
C ALA A 57 -14.61 -10.84 0.84
N LYS A 58 -15.06 -11.25 -0.34
CA LYS A 58 -15.53 -12.61 -0.53
C LYS A 58 -14.40 -13.61 -0.55
N THR A 59 -14.58 -14.77 0.09
CA THR A 59 -13.55 -15.80 0.09
C THR A 59 -13.17 -16.25 -1.32
N LYS A 60 -14.15 -16.35 -2.22
CA LYS A 60 -13.85 -16.66 -3.62
C LYS A 60 -12.87 -15.66 -4.25
N ASP A 61 -12.92 -14.40 -3.83
CA ASP A 61 -11.99 -13.40 -4.33
C ASP A 61 -10.61 -13.59 -3.68
N LEU A 62 -10.58 -13.98 -2.40
CA LEU A 62 -9.27 -14.27 -1.75
C LEU A 62 -8.51 -15.38 -2.48
N SER A 63 -9.28 -16.30 -3.03
N SER A 63 -9.24 -16.35 -3.02
CA SER A 63 -8.81 -17.50 -3.70
CA SER A 63 -8.67 -17.53 -3.67
C SER A 63 -8.17 -17.25 -5.06
C SER A 63 -8.23 -17.28 -5.12
N LEU A 64 -8.41 -16.05 -5.59
CA LEU A 64 -7.75 -15.57 -6.81
C LEU A 64 -6.24 -15.47 -6.62
N VAL A 65 -5.82 -15.27 -5.36
CA VAL A 65 -4.40 -15.16 -5.02
C VAL A 65 -3.95 -16.27 -4.06
N HIS A 66 -4.76 -16.58 -3.05
CA HIS A 66 -4.31 -17.47 -1.98
C HIS A 66 -4.75 -18.91 -2.12
N THR A 67 -3.92 -19.80 -1.62
CA THR A 67 -4.21 -21.23 -1.71
C THR A 67 -5.29 -21.55 -0.69
N GLN A 68 -6.06 -22.60 -0.96
CA GLN A 68 -7.08 -23.04 -0.01
C GLN A 68 -6.49 -23.53 1.32
N GLU A 69 -5.32 -24.18 1.26
CA GLU A 69 -4.64 -24.61 2.50
C GLU A 69 -4.31 -23.40 3.35
N PHE A 70 -3.81 -22.35 2.68
CA PHE A 70 -3.51 -21.16 3.46
C PHE A 70 -4.79 -20.55 4.03
N LEU A 71 -5.84 -20.44 3.22
CA LEU A 71 -7.05 -19.80 3.74
C LEU A 71 -7.65 -20.61 4.88
N ASP A 72 -7.54 -21.95 4.80
CA ASP A 72 -8.03 -22.83 5.88
C ASP A 72 -7.32 -22.50 7.17
N ASP A 73 -5.99 -22.40 7.13
CA ASP A 73 -5.23 -22.05 8.31
C ASP A 73 -5.55 -20.63 8.83
N PHE A 74 -5.62 -19.66 7.91
CA PHE A 74 -5.93 -18.28 8.30
C PHE A 74 -7.27 -18.16 9.07
N PHE A 75 -8.35 -18.62 8.45
CA PHE A 75 -9.67 -18.53 9.04
C PHE A 75 -9.86 -19.34 10.30
N SER A 76 -9.15 -20.45 10.43
CA SER A 76 -9.32 -21.31 11.62
C SER A 76 -8.35 -20.90 12.74
N LEU A 77 -7.57 -19.85 12.52
CA LEU A 77 -6.56 -19.34 13.49
C LEU A 77 -5.50 -20.41 13.78
N ASN A 78 -5.18 -21.22 12.78
CA ASN A 78 -4.27 -22.34 12.96
C ASN A 78 -2.82 -21.92 12.85
N ILE A 79 -1.97 -22.38 13.79
CA ILE A 79 -0.54 -22.06 13.73
C ILE A 79 0.17 -23.15 12.95
N THR A 80 0.66 -22.81 11.76
CA THR A 80 1.30 -23.81 10.88
C THR A 80 2.38 -23.05 10.13
N GLU A 81 3.14 -23.72 9.28
CA GLU A 81 4.11 -23.01 8.46
C GLU A 81 3.47 -21.94 7.58
N ARG A 82 2.17 -22.03 7.33
CA ARG A 82 1.48 -21.06 6.47
C ARG A 82 1.18 -19.75 7.19
N THR A 83 1.18 -19.81 8.53
CA THR A 83 0.83 -18.64 9.34
C THR A 83 1.91 -18.19 10.31
N GLN A 84 2.84 -19.07 10.62
CA GLN A 84 3.81 -18.81 11.71
C GLN A 84 4.96 -17.84 11.36
N TYR A 85 5.10 -17.43 10.11
CA TYR A 85 6.08 -16.40 9.74
C TYR A 85 5.45 -15.00 9.74
N SER A 86 4.21 -14.84 10.22
CA SER A 86 3.52 -13.55 10.03
C SER A 86 4.12 -12.40 10.83
N GLU A 87 4.82 -12.71 11.91
CA GLU A 87 5.23 -11.74 12.95
C GLU A 87 4.06 -10.97 13.57
N LEU A 88 2.87 -11.54 13.53
CA LEU A 88 1.68 -10.93 14.10
C LEU A 88 0.90 -12.00 14.83
N PRO A 89 0.08 -11.60 15.82
CA PRO A 89 -0.85 -12.58 16.37
C PRO A 89 -1.82 -13.02 15.27
N LEU A 90 -2.50 -14.13 15.48
CA LEU A 90 -3.56 -14.57 14.60
C LEU A 90 -4.78 -14.80 15.48
N THR A 91 -5.68 -13.83 15.46
CA THR A 91 -6.86 -13.81 16.33
C THR A 91 -8.07 -13.54 15.42
N LYS A 92 -9.28 -13.70 15.94
CA LYS A 92 -10.45 -13.38 15.13
C LYS A 92 -10.51 -11.91 14.69
N GLN A 93 -9.99 -11.01 15.55
CA GLN A 93 -10.00 -9.57 15.29
C GLN A 93 -9.07 -9.25 14.15
N ILE A 94 -7.94 -9.96 14.13
CA ILE A 94 -6.95 -9.76 13.05
C ILE A 94 -7.51 -10.28 11.74
N VAL A 95 -8.16 -11.44 11.78
CA VAL A 95 -8.80 -12.01 10.58
C VAL A 95 -9.83 -11.02 10.01
N HIS A 96 -10.68 -10.52 10.90
CA HIS A 96 -11.73 -9.59 10.55
C HIS A 96 -11.18 -8.31 9.89
N SER A 97 -10.20 -7.69 10.56
N SER A 97 -10.19 -7.71 10.54
CA SER A 97 -9.52 -6.48 10.05
CA SER A 97 -9.57 -6.50 10.02
C SER A 97 -8.88 -6.71 8.67
C SER A 97 -8.86 -6.69 8.67
N PHE A 98 -8.21 -7.84 8.48
CA PHE A 98 -7.58 -8.12 7.15
C PHE A 98 -8.58 -8.37 6.05
N VAL A 99 -9.62 -9.13 6.33
CA VAL A 99 -10.66 -9.40 5.33
C VAL A 99 -11.42 -8.10 4.96
N LEU A 100 -11.69 -7.23 5.94
CA LEU A 100 -12.31 -5.92 5.63
C LEU A 100 -11.37 -5.07 4.77
N ALA A 101 -10.09 -5.08 5.13
CA ALA A 101 -9.17 -4.24 4.37
C ALA A 101 -8.97 -4.70 2.92
N VAL A 102 -9.00 -6.02 2.70
CA VAL A 102 -8.95 -6.54 1.32
C VAL A 102 -10.20 -6.04 0.60
N GLY A 103 -11.35 -6.08 1.27
CA GLY A 103 -12.58 -5.51 0.72
C GLY A 103 -12.41 -4.03 0.39
N GLY A 104 -11.70 -3.31 1.27
CA GLY A 104 -11.39 -1.91 1.04
C GLY A 104 -10.53 -1.65 -0.16
N THR A 105 -9.50 -2.49 -0.37
CA THR A 105 -8.63 -2.26 -1.54
C THR A 105 -9.34 -2.61 -2.86
N ILE A 106 -10.15 -3.67 -2.82
CA ILE A 106 -11.01 -4.00 -3.97
C ILE A 106 -11.97 -2.83 -4.28
N LEU A 107 -12.60 -2.29 -3.23
CA LEU A 107 -13.49 -1.12 -3.38
C LEU A 107 -12.76 0.08 -3.95
N SER A 108 -11.54 0.34 -3.44
CA SER A 108 -10.73 1.40 -4.00
C SER A 108 -10.51 1.25 -5.48
N MET A 109 -10.21 0.02 -5.90
CA MET A 109 -9.94 -0.25 -7.32
C MET A 109 -11.21 0.00 -8.14
N GLU A 110 -12.35 -0.41 -7.60
CA GLU A 110 -13.64 -0.16 -8.28
C GLU A 110 -13.93 1.34 -8.38
N LEU A 111 -13.61 2.09 -7.32
CA LEU A 111 -13.81 3.52 -7.30
C LEU A 111 -12.93 4.29 -8.29
N ALA A 112 -11.84 3.66 -8.73
CA ALA A 112 -10.93 4.26 -9.74
C ALA A 112 -11.62 4.43 -11.09
N GLN A 113 -12.77 3.78 -11.29
CA GLN A 113 -13.64 4.08 -12.45
C GLN A 113 -14.18 5.51 -12.42
N LYS A 114 -14.35 6.10 -11.23
CA LYS A 114 -14.88 7.47 -11.16
C LYS A 114 -14.04 8.54 -10.49
N TYR A 115 -12.90 8.13 -9.91
CA TYR A 115 -11.93 9.04 -9.31
C TYR A 115 -10.56 8.81 -9.93
N LYS A 116 -9.86 9.91 -10.21
CA LYS A 116 -8.49 9.81 -10.69
C LYS A 116 -7.60 9.12 -9.63
N PHE A 117 -7.84 9.48 -8.37
CA PHE A 117 -7.11 8.95 -7.21
C PHE A 117 -8.05 8.43 -6.14
N VAL A 118 -7.73 7.29 -5.55
CA VAL A 118 -8.49 6.79 -4.41
C VAL A 118 -7.44 6.49 -3.34
N TYR A 119 -7.50 7.19 -2.21
CA TYR A 119 -6.60 6.90 -1.09
C TYR A 119 -7.34 5.98 -0.09
N HIS A 120 -6.81 4.76 0.06
CA HIS A 120 -7.38 3.81 1.00
C HIS A 120 -6.68 3.99 2.33
N ILE A 121 -7.40 4.40 3.37
CA ILE A 121 -6.80 4.55 4.73
C ILE A 121 -6.81 3.16 5.37
N GLY A 122 -5.94 2.28 4.84
CA GLY A 122 -5.92 0.85 5.17
C GLY A 122 -5.18 0.10 4.08
N GLY A 123 -4.74 -1.10 4.39
CA GLY A 123 -4.11 -1.96 3.37
C GLY A 123 -2.68 -1.61 2.96
N GLY A 124 -2.32 -2.09 1.77
CA GLY A 124 -0.91 -2.12 1.33
C GLY A 124 -0.14 -3.33 1.82
N PHE A 125 -0.73 -4.51 1.76
CA PHE A 125 -0.13 -5.71 2.40
C PHE A 125 0.86 -6.42 1.49
N HIS A 126 1.94 -5.71 1.21
CA HIS A 126 2.77 -6.06 0.06
C HIS A 126 3.72 -7.23 0.27
N HIS A 127 3.72 -7.83 1.48
CA HIS A 127 4.60 -8.97 1.77
C HIS A 127 3.82 -10.28 1.72
N SER A 128 2.50 -10.18 1.63
CA SER A 128 1.67 -11.39 1.72
C SER A 128 1.85 -12.29 0.48
N MET A 129 2.08 -13.58 0.73
CA MET A 129 2.29 -14.57 -0.34
C MET A 129 1.05 -15.44 -0.53
N PRO A 130 0.94 -16.08 -1.70
CA PRO A 130 -0.18 -17.00 -1.93
C PRO A 130 -0.36 -18.08 -0.86
N ASP A 131 0.73 -18.71 -0.44
CA ASP A 131 0.63 -19.85 0.46
C ASP A 131 1.17 -19.56 1.84
N ARG A 132 1.61 -18.33 2.11
CA ARG A 132 2.07 -18.04 3.48
C ARG A 132 2.04 -16.59 3.85
N ALA A 133 1.72 -16.32 5.11
CA ALA A 133 1.75 -14.94 5.64
C ALA A 133 3.18 -14.61 6.02
N GLU A 134 3.54 -13.35 5.86
CA GLU A 134 4.85 -12.86 6.36
C GLU A 134 4.82 -11.35 6.36
N GLY A 135 5.71 -10.77 7.15
CA GLY A 135 5.91 -9.31 7.17
C GLY A 135 4.70 -8.53 7.63
N PHE A 136 3.99 -9.09 8.60
CA PHE A 136 2.81 -8.53 9.21
C PHE A 136 1.63 -8.60 8.24
N CYS A 137 1.73 -9.44 7.22
CA CYS A 137 0.69 -9.44 6.17
C CYS A 137 0.04 -10.83 5.98
N TYR A 138 -1.28 -10.93 6.22
CA TYR A 138 -1.96 -12.19 6.08
C TYR A 138 -2.62 -12.41 4.73
N LEU A 139 -3.06 -11.33 4.07
CA LEU A 139 -3.75 -11.44 2.76
C LEU A 139 -3.19 -10.36 1.86
N ASN A 140 -3.21 -10.57 0.56
CA ASN A 140 -2.61 -9.57 -0.34
C ASN A 140 -3.68 -8.77 -1.05
N ASP A 141 -3.98 -7.64 -0.44
CA ASP A 141 -5.09 -6.80 -0.88
C ASP A 141 -4.92 -6.29 -2.31
N ALA A 142 -3.75 -5.73 -2.61
CA ALA A 142 -3.51 -5.17 -3.92
C ALA A 142 -3.41 -6.25 -4.97
N ALA A 143 -2.84 -7.41 -4.63
CA ALA A 143 -2.81 -8.53 -5.59
C ALA A 143 -4.22 -9.05 -5.90
N ILE A 144 -5.05 -9.21 -4.88
CA ILE A 144 -6.44 -9.63 -5.11
C ILE A 144 -7.20 -8.62 -5.97
N ALA A 145 -7.07 -7.33 -5.65
CA ALA A 145 -7.75 -6.28 -6.42
C ALA A 145 -7.25 -6.28 -7.87
N SER A 146 -5.96 -6.55 -8.05
CA SER A 146 -5.36 -6.61 -9.40
C SER A 146 -5.98 -7.73 -10.23
N LYS A 147 -6.13 -8.91 -9.64
CA LYS A 147 -6.72 -10.06 -10.33
C LYS A 147 -8.15 -9.75 -10.76
N LEU A 148 -8.91 -9.06 -9.90
CA LEU A 148 -10.28 -8.66 -10.23
C LEU A 148 -10.31 -7.67 -11.38
N TYR A 149 -9.45 -6.66 -11.30
CA TYR A 149 -9.31 -5.64 -12.35
C TYR A 149 -8.96 -6.30 -13.69
N GLN A 150 -8.07 -7.27 -13.66
CA GLN A 150 -7.67 -7.99 -14.86
C GLN A 150 -8.84 -8.75 -15.50
N LYS A 151 -9.72 -9.30 -14.67
CA LYS A 151 -10.91 -10.01 -15.20
C LYS A 151 -11.88 -9.01 -15.84
N GLU A 152 -11.94 -7.80 -15.28
CA GLU A 152 -12.80 -6.75 -15.82
C GLU A 152 -12.24 -6.20 -17.13
N TYR A 153 -10.93 -5.96 -17.15
CA TYR A 153 -10.31 -5.31 -18.29
C TYR A 153 -9.08 -6.11 -18.71
N PRO A 154 -9.29 -7.18 -19.52
CA PRO A 154 -8.22 -8.09 -19.92
C PRO A 154 -7.09 -7.44 -20.71
N ASP A 155 -7.33 -6.29 -21.33
CA ASP A 155 -6.27 -5.65 -22.12
C ASP A 155 -5.46 -4.61 -21.34
N LYS A 156 -5.93 -4.26 -20.14
CA LYS A 156 -5.33 -3.14 -19.41
C LYS A 156 -4.11 -3.55 -18.57
N LYS A 157 -3.29 -2.55 -18.22
CA LYS A 157 -2.02 -2.82 -17.54
C LYS A 157 -1.98 -2.16 -16.15
N ILE A 158 -1.32 -2.86 -15.20
CA ILE A 158 -1.24 -2.43 -13.81
C ILE A 158 0.25 -2.23 -13.41
N LEU A 159 0.56 -1.07 -12.85
CA LEU A 159 1.89 -0.76 -12.29
C LEU A 159 1.78 -0.63 -10.78
N PHE A 160 2.66 -1.34 -10.07
CA PHE A 160 2.87 -1.13 -8.64
C PHE A 160 4.05 -0.21 -8.48
N ILE A 161 3.81 0.95 -7.90
CA ILE A 161 4.87 1.84 -7.44
C ILE A 161 4.98 1.66 -5.93
N ASP A 162 6.04 0.95 -5.50
CA ASP A 162 6.13 0.60 -4.09
C ASP A 162 7.23 1.42 -3.45
N LEU A 163 6.84 2.43 -2.67
CA LEU A 163 7.84 3.33 -2.06
C LEU A 163 7.83 3.23 -0.54
N ASP A 164 7.19 2.21 -0.02
CA ASP A 164 7.40 1.82 1.36
C ASP A 164 8.89 1.42 1.46
N LEU A 165 9.46 1.60 2.65
CA LEU A 165 10.80 1.22 3.00
C LEU A 165 11.22 -0.20 2.62
N HIS A 166 10.26 -1.14 2.62
CA HIS A 166 10.54 -2.54 2.46
C HIS A 166 10.16 -2.97 1.08
N GLN A 167 10.90 -3.91 0.48
CA GLN A 167 10.48 -4.46 -0.83
C GLN A 167 9.09 -5.09 -0.79
N GLY A 168 8.30 -4.80 -1.81
CA GLY A 168 7.00 -5.49 -1.99
C GLY A 168 7.16 -6.90 -2.56
N ASN A 169 7.82 -7.76 -1.81
CA ASN A 169 8.16 -9.15 -2.25
C ASN A 169 6.94 -9.99 -2.63
N GLY A 170 5.81 -9.83 -1.93
CA GLY A 170 4.63 -10.64 -2.21
C GLY A 170 4.18 -10.29 -3.60
N ASN A 171 4.11 -8.99 -3.89
CA ASN A 171 3.67 -8.55 -5.24
C ASN A 171 4.65 -8.94 -6.35
N SER A 172 5.94 -8.81 -6.05
CA SER A 172 6.98 -9.21 -7.04
C SER A 172 6.82 -10.68 -7.38
N PHE A 173 6.60 -11.49 -6.35
CA PHE A 173 6.47 -12.94 -6.54
C PHE A 173 5.20 -13.30 -7.31
N ILE A 174 4.05 -12.77 -6.87
CA ILE A 174 2.76 -13.12 -7.49
C ILE A 174 2.76 -12.78 -8.98
N PHE A 175 3.36 -11.64 -9.32
CA PHE A 175 3.30 -11.12 -10.70
C PHE A 175 4.53 -11.32 -11.57
N GLN A 176 5.45 -12.17 -11.10
CA GLN A 176 6.71 -12.37 -11.80
C GLN A 176 6.55 -12.87 -13.25
N ASN A 177 5.49 -13.64 -13.52
CA ASN A 177 5.27 -14.19 -14.88
C ASN A 177 4.11 -13.54 -15.61
N ASP A 178 3.69 -12.38 -15.14
CA ASP A 178 2.54 -11.71 -15.70
C ASP A 178 2.98 -10.47 -16.46
N PRO A 179 2.86 -10.50 -17.80
CA PRO A 179 3.37 -9.36 -18.59
C PRO A 179 2.51 -8.09 -18.50
N ASP A 180 1.29 -8.21 -17.97
CA ASP A 180 0.36 -7.09 -17.84
C ASP A 180 0.47 -6.36 -16.52
N VAL A 181 1.38 -6.83 -15.66
CA VAL A 181 1.59 -6.19 -14.36
C VAL A 181 3.09 -5.88 -14.23
N PHE A 182 3.42 -4.66 -13.81
CA PHE A 182 4.82 -4.26 -13.62
C PHE A 182 5.03 -3.94 -12.15
N THR A 183 6.02 -4.58 -11.55
CA THR A 183 6.37 -4.23 -10.15
C THR A 183 7.62 -3.40 -10.05
N PHE A 184 7.47 -2.24 -9.43
CA PHE A 184 8.57 -1.33 -9.11
C PHE A 184 8.67 -1.16 -7.61
N SER A 185 9.89 -1.25 -7.10
CA SER A 185 10.12 -0.97 -5.68
C SER A 185 11.41 -0.22 -5.43
N MET A 186 11.35 0.79 -4.58
CA MET A 186 12.57 1.37 -3.98
C MET A 186 12.54 1.00 -2.51
N HIS A 187 13.60 0.37 -2.00
CA HIS A 187 13.55 -0.08 -0.62
C HIS A 187 14.93 -0.13 -0.02
N GLN A 188 15.00 -0.15 1.30
CA GLN A 188 16.29 -0.34 1.98
C GLN A 188 16.73 -1.80 1.77
N GLU A 189 17.92 -2.01 1.19
N GLU A 189 17.93 -1.98 1.20
CA GLU A 189 18.32 -3.36 0.79
CA GLU A 189 18.48 -3.29 0.82
C GLU A 189 18.61 -4.31 1.97
C GLU A 189 18.61 -4.27 1.97
N ASN A 190 19.10 -3.78 3.10
CA ASN A 190 19.57 -4.65 4.20
C ASN A 190 18.52 -5.04 5.22
N LEU A 191 17.25 -4.77 4.90
CA LEU A 191 16.11 -5.15 5.78
C LEU A 191 15.35 -6.34 5.25
N TYR A 192 14.50 -6.95 6.09
CA TYR A 192 13.37 -7.75 5.64
C TYR A 192 12.77 -7.09 4.35
N PRO A 193 12.36 -7.84 3.32
CA PRO A 193 12.26 -9.29 3.28
C PRO A 193 13.36 -9.95 2.46
N LYS A 194 13.31 -11.26 2.39
CA LYS A 194 14.02 -12.01 1.35
C LYS A 194 13.61 -11.42 0.00
N LYS A 195 14.59 -10.99 -0.78
CA LYS A 195 14.29 -10.23 -1.99
C LYS A 195 13.85 -11.11 -3.14
N GLU A 196 12.76 -10.67 -3.76
CA GLU A 196 12.27 -11.24 -5.00
C GLU A 196 12.75 -10.36 -6.13
N LYS A 197 12.55 -10.81 -7.36
CA LYS A 197 12.94 -10.00 -8.49
C LYS A 197 11.73 -9.22 -8.98
N SER A 198 11.67 -7.94 -8.60
CA SER A 198 10.64 -7.06 -9.14
C SER A 198 11.02 -6.76 -10.59
N ASP A 199 10.09 -6.22 -11.34
CA ASP A 199 10.44 -5.70 -12.66
C ASP A 199 11.46 -4.58 -12.63
N LEU A 200 11.39 -3.73 -11.61
CA LEU A 200 12.48 -2.79 -11.31
C LEU A 200 12.67 -2.64 -9.81
N ASP A 201 13.86 -3.01 -9.32
CA ASP A 201 14.20 -2.85 -7.89
C ASP A 201 15.29 -1.85 -7.76
N ILE A 202 15.07 -0.87 -6.89
CA ILE A 202 16.13 0.06 -6.56
C ILE A 202 16.51 -0.22 -5.11
N SER A 203 17.75 -0.67 -4.90
CA SER A 203 18.27 -1.06 -3.57
C SER A 203 18.87 0.15 -2.91
N LEU A 204 18.33 0.55 -1.77
CA LEU A 204 18.76 1.78 -1.13
C LEU A 204 19.65 1.49 0.06
N GLU A 205 20.63 2.37 0.24
CA GLU A 205 21.55 2.32 1.37
C GLU A 205 21.05 3.16 2.52
N GLU A 206 21.40 2.75 3.74
CA GLU A 206 21.08 3.51 4.93
C GLU A 206 21.57 4.94 4.75
N GLY A 207 20.77 5.89 5.23
CA GLY A 207 21.17 7.28 5.26
C GLY A 207 20.81 8.10 4.03
N ILE A 208 20.22 7.48 3.00
CA ILE A 208 19.80 8.22 1.80
C ILE A 208 18.90 9.42 2.18
N GLY A 209 19.16 10.58 1.55
CA GLY A 209 18.38 11.79 1.83
C GLY A 209 17.43 12.13 0.71
N ASP A 210 16.69 13.22 0.90
CA ASP A 210 15.66 13.66 -0.06
C ASP A 210 16.19 13.77 -1.48
N LYS A 211 17.26 14.55 -1.67
CA LYS A 211 17.71 14.82 -3.03
C LYS A 211 18.00 13.56 -3.86
N GLU A 212 18.80 12.65 -3.29
CA GLU A 212 19.21 11.45 -3.99
C GLU A 212 18.03 10.51 -4.25
N TYR A 213 17.21 10.30 -3.21
CA TYR A 213 16.00 9.50 -3.29
C TYR A 213 15.08 9.95 -4.42
N LEU A 214 14.79 11.26 -4.46
CA LEU A 214 13.87 11.82 -5.45
C LEU A 214 14.46 11.77 -6.87
N GLU A 215 15.77 11.97 -6.98
CA GLU A 215 16.49 11.78 -8.25
C GLU A 215 16.32 10.37 -8.80
N LEU A 216 16.46 9.38 -7.90
CA LEU A 216 16.37 7.98 -8.28
C LEU A 216 14.93 7.65 -8.66
N LEU A 217 13.98 8.19 -7.90
CA LEU A 217 12.58 8.01 -8.24
C LEU A 217 12.23 8.54 -9.65
N GLU A 218 12.57 9.79 -9.93
CA GLU A 218 12.30 10.39 -11.26
C GLU A 218 12.92 9.62 -12.43
N LYS A 219 14.16 9.22 -12.24
CA LYS A 219 14.85 8.40 -13.22
C LYS A 219 14.13 7.07 -13.41
N SER A 220 13.69 6.45 -12.30
CA SER A 220 13.01 5.16 -12.34
C SER A 220 11.67 5.21 -13.04
N LEU A 221 10.91 6.29 -12.82
CA LEU A 221 9.62 6.43 -13.47
C LEU A 221 9.79 6.53 -15.01
N ARG A 222 10.87 7.16 -15.44
CA ARG A 222 11.16 7.27 -16.88
C ARG A 222 11.47 5.89 -17.44
N LYS A 223 12.30 5.15 -16.71
CA LYS A 223 12.62 3.75 -17.06
C LYS A 223 11.40 2.85 -17.20
N ILE A 224 10.48 2.99 -16.25
CA ILE A 224 9.26 2.21 -16.26
C ILE A 224 8.45 2.52 -17.51
N GLU A 225 8.23 3.82 -17.76
CA GLU A 225 7.32 4.20 -18.84
C GLU A 225 7.97 3.86 -20.19
N SER A 226 9.29 3.76 -20.22
CA SER A 226 10.01 3.33 -21.45
C SER A 226 9.61 1.92 -21.86
N ASP A 227 9.17 1.12 -20.88
CA ASP A 227 8.88 -0.29 -21.06
C ASP A 227 7.41 -0.64 -20.87
N PHE A 228 6.63 0.25 -20.24
CA PHE A 228 5.33 -0.14 -19.71
C PHE A 228 4.40 1.06 -19.54
N LYS A 229 3.20 0.98 -20.11
CA LYS A 229 2.22 2.08 -19.97
C LYS A 229 1.05 1.62 -19.12
N PRO A 230 0.95 2.14 -17.87
CA PRO A 230 -0.10 1.56 -16.99
C PRO A 230 -1.45 2.21 -17.16
N ASP A 231 -2.51 1.41 -16.96
CA ASP A 231 -3.87 1.95 -16.85
C ASP A 231 -4.28 2.17 -15.42
N LEU A 232 -3.82 1.28 -14.53
CA LEU A 232 -4.07 1.40 -13.10
C LEU A 232 -2.75 1.32 -12.38
N ILE A 233 -2.54 2.23 -11.43
CA ILE A 233 -1.38 2.17 -10.56
C ILE A 233 -1.79 1.91 -9.12
N PHE A 234 -1.14 0.93 -8.47
CA PHE A 234 -1.16 0.85 -7.00
C PHE A 234 0.09 1.55 -6.47
N TYR A 235 -0.13 2.67 -5.79
CA TYR A 235 0.94 3.41 -5.17
C TYR A 235 1.01 3.00 -3.71
N ILE A 236 2.10 2.34 -3.34
CA ILE A 236 2.28 1.88 -1.94
C ILE A 236 3.12 2.95 -1.29
N ALA A 237 2.43 3.85 -0.61
CA ALA A 237 2.99 5.11 -0.13
C ALA A 237 3.35 5.01 1.34
N GLY A 238 4.29 4.09 1.66
CA GLY A 238 4.65 3.85 3.03
C GLY A 238 5.27 5.07 3.69
N ALA A 239 5.14 5.12 5.01
CA ALA A 239 5.69 6.22 5.81
C ALA A 239 7.03 5.87 6.36
N ASP A 240 7.41 4.60 6.27
CA ASP A 240 8.66 4.13 6.85
C ASP A 240 10.05 4.57 6.27
N PRO A 241 10.11 5.25 5.09
CA PRO A 241 11.40 5.87 4.71
C PRO A 241 11.73 7.13 5.50
N PHE A 242 10.79 7.59 6.32
CA PHE A 242 10.98 8.77 7.20
C PHE A 242 12.24 8.68 8.04
N GLU A 243 12.91 9.83 8.19
CA GLU A 243 14.11 9.93 9.02
C GLU A 243 13.93 9.58 10.48
N GLY A 244 12.69 9.64 10.97
CA GLY A 244 12.37 9.31 12.34
C GLY A 244 11.88 7.88 12.54
N ASP A 245 11.96 7.06 11.49
CA ASP A 245 11.42 5.72 11.59
C ASP A 245 12.21 4.85 12.55
N SER A 246 11.52 4.03 13.32
N SER A 246 11.50 4.02 13.30
CA SER A 246 12.21 3.12 14.25
CA SER A 246 12.15 3.13 14.27
C SER A 246 12.81 1.91 13.55
C SER A 246 12.61 1.79 13.69
N LEU A 247 12.18 1.47 12.48
CA LEU A 247 12.61 0.26 11.75
C LEU A 247 13.57 0.59 10.61
N GLY A 248 13.26 1.62 9.85
CA GLY A 248 14.13 2.02 8.74
C GLY A 248 15.28 2.95 9.11
N ASP A 249 16.28 2.99 8.23
CA ASP A 249 17.47 3.81 8.38
C ASP A 249 17.57 4.81 7.24
N LEU A 250 16.49 4.99 6.45
CA LEU A 250 16.50 6.01 5.39
C LEU A 250 16.19 7.34 6.05
N LYS A 251 16.56 8.44 5.40
CA LYS A 251 16.49 9.74 6.04
C LYS A 251 15.67 10.73 5.21
N LEU A 252 14.49 10.32 4.74
CA LEU A 252 13.56 11.28 4.12
C LEU A 252 12.85 12.19 5.14
N THR A 253 12.81 13.48 4.83
CA THR A 253 12.11 14.43 5.68
C THR A 253 10.63 14.42 5.38
N PHE A 254 9.83 15.10 6.20
CA PHE A 254 8.40 15.32 5.86
C PHE A 254 8.27 15.93 4.45
N GLN A 255 9.08 16.94 4.14
N GLN A 255 9.08 16.95 4.14
CA GLN A 255 9.02 17.59 2.83
CA GLN A 255 9.03 17.59 2.83
C GLN A 255 9.46 16.64 1.70
C GLN A 255 9.47 16.66 1.70
N GLY A 256 10.45 15.80 1.96
CA GLY A 256 10.89 14.79 1.01
C GLY A 256 9.79 13.77 0.70
N LEU A 257 9.08 13.33 1.74
CA LEU A 257 7.98 12.40 1.54
C LEU A 257 6.84 13.06 0.76
N ARG A 258 6.57 14.33 1.05
CA ARG A 258 5.59 15.12 0.26
C ARG A 258 5.98 15.23 -1.20
N LYS A 259 7.25 15.56 -1.45
CA LYS A 259 7.78 15.67 -2.82
C LYS A 259 7.70 14.32 -3.54
N ARG A 260 8.01 13.25 -2.82
CA ARG A 260 7.86 11.89 -3.34
C ARG A 260 6.44 11.63 -3.85
N ASP A 261 5.47 11.94 -3.00
CA ASP A 261 4.06 11.75 -3.30
C ASP A 261 3.62 12.60 -4.49
N GLN A 262 4.11 13.85 -4.50
CA GLN A 262 3.85 14.79 -5.60
C GLN A 262 4.42 14.30 -6.94
N ILE A 263 5.65 13.76 -6.91
CA ILE A 263 6.23 13.16 -8.11
C ILE A 263 5.33 12.02 -8.68
N VAL A 264 4.81 11.15 -7.81
CA VAL A 264 3.97 10.05 -8.27
C VAL A 264 2.64 10.59 -8.80
N ARG A 265 2.05 11.53 -8.05
CA ARG A 265 0.84 12.21 -8.44
C ARG A 265 0.97 12.80 -9.85
N ASP A 266 2.05 13.51 -10.08
CA ASP A 266 2.28 14.21 -11.34
C ASP A 266 2.58 13.26 -12.50
N PHE A 267 3.27 12.16 -12.20
CA PHE A 267 3.44 11.07 -13.16
C PHE A 267 2.09 10.55 -13.63
N ALA A 268 1.16 10.32 -12.69
CA ALA A 268 -0.19 9.87 -13.05
C ALA A 268 -0.95 10.87 -13.88
N TYR A 269 -0.85 12.14 -13.49
CA TYR A 269 -1.54 13.24 -14.19
C TYR A 269 -1.05 13.32 -15.63
N SER A 270 0.22 12.96 -15.84
CA SER A 270 0.83 13.04 -17.17
C SER A 270 0.40 11.88 -18.08
N LEU A 271 -0.19 10.85 -17.47
CA LEU A 271 -0.79 9.72 -18.18
C LEU A 271 -2.34 9.79 -18.08
N ASN A 272 -2.97 10.25 -19.16
CA ASN A 272 -4.39 10.61 -19.14
C ASN A 272 -5.38 9.53 -18.71
N ASP A 273 -5.20 8.31 -19.20
CA ASP A 273 -6.12 7.22 -18.90
C ASP A 273 -5.90 6.65 -17.48
N THR A 274 -4.77 6.98 -16.86
CA THR A 274 -4.32 6.27 -15.65
C THR A 274 -5.08 6.70 -14.40
N ARG A 275 -5.33 5.73 -13.53
CA ARG A 275 -5.94 5.99 -12.23
C ARG A 275 -5.01 5.40 -11.17
N VAL A 276 -5.10 5.94 -9.95
CA VAL A 276 -4.20 5.50 -8.87
C VAL A 276 -5.01 5.10 -7.64
N VAL A 277 -4.71 3.92 -7.10
CA VAL A 277 -5.14 3.51 -5.77
C VAL A 277 -3.93 3.65 -4.87
N ILE A 278 -4.07 4.46 -3.83
CA ILE A 278 -2.94 4.76 -2.91
C ILE A 278 -3.15 4.00 -1.59
N LEU A 279 -2.11 3.26 -1.16
CA LEU A 279 -2.22 2.39 0.02
C LEU A 279 -1.09 2.79 0.99
N PRO A 280 -1.37 2.85 2.31
CA PRO A 280 -0.36 3.35 3.24
C PRO A 280 0.74 2.35 3.62
N ALA A 281 0.47 1.03 3.58
CA ALA A 281 1.47 0.02 4.00
C ALA A 281 2.08 0.38 5.39
N GLY A 282 3.41 0.47 5.51
CA GLY A 282 4.05 0.67 6.80
C GLY A 282 4.32 2.10 7.28
N GLY A 283 5.14 2.21 8.33
CA GLY A 283 5.41 3.48 9.04
C GLY A 283 5.57 3.19 10.53
N TYR A 284 6.75 3.51 11.08
CA TYR A 284 7.09 3.12 12.43
C TYR A 284 7.80 4.27 13.09
N ALA A 285 7.40 5.49 12.75
CA ALA A 285 8.03 6.67 13.40
C ALA A 285 8.08 6.54 14.91
N LYS A 286 9.19 7.00 15.51
CA LYS A 286 9.36 6.98 16.95
C LYS A 286 8.21 7.68 17.62
N ASP A 287 7.80 8.81 17.05
CA ASP A 287 6.53 9.43 17.43
C ASP A 287 5.40 8.94 16.53
N PHE A 288 4.47 8.17 17.10
CA PHE A 288 3.26 7.64 16.41
C PHE A 288 2.60 8.74 15.59
N TYR A 289 2.57 9.95 16.15
CA TYR A 289 1.89 11.05 15.48
C TYR A 289 2.56 11.47 14.16
N ASP A 290 3.86 11.21 14.02
CA ASP A 290 4.53 11.49 12.74
C ASP A 290 4.08 10.53 11.62
N THR A 291 3.90 9.26 11.97
CA THR A 291 3.39 8.27 11.02
C THR A 291 2.04 8.72 10.48
N VAL A 292 1.15 9.09 11.40
CA VAL A 292 -0.20 9.54 11.08
C VAL A 292 -0.07 10.76 10.15
N THR A 293 0.77 11.72 10.54
CA THR A 293 0.95 12.96 9.81
C THR A 293 1.47 12.72 8.40
N ILE A 294 2.33 11.72 8.22
CA ILE A 294 2.87 11.46 6.90
C ILE A 294 1.76 10.96 5.96
N HIS A 295 0.92 10.06 6.43
CA HIS A 295 -0.19 9.56 5.61
C HIS A 295 -1.20 10.65 5.28
N TYR A 296 -1.50 11.48 6.26
CA TYR A 296 -2.38 12.62 6.05
C TYR A 296 -1.78 13.51 4.95
N ASN A 297 -0.48 13.74 5.01
CA ASN A 297 0.19 14.56 3.97
C ASN A 297 0.04 14.00 2.56
N THR A 298 0.10 12.66 2.43
CA THR A 298 -0.13 12.01 1.12
C THR A 298 -1.53 12.34 0.58
N ILE A 299 -2.53 12.20 1.44
CA ILE A 299 -3.89 12.57 1.02
C ILE A 299 -3.95 14.01 0.54
N LYS A 300 -3.40 14.91 1.34
CA LYS A 300 -3.41 16.34 1.02
C LYS A 300 -2.73 16.63 -0.32
N ILE A 301 -1.61 15.98 -0.62
N ILE A 301 -1.58 15.98 -0.58
CA ILE A 301 -0.97 16.20 -1.92
CA ILE A 301 -0.89 16.11 -1.88
C ILE A 301 -1.78 15.70 -3.10
C ILE A 301 -1.79 15.70 -3.06
N PHE A 302 -2.41 14.53 -2.96
CA PHE A 302 -3.21 13.99 -4.06
C PHE A 302 -4.49 14.79 -4.21
N ALA A 303 -4.90 15.46 -3.15
CA ALA A 303 -6.12 16.27 -3.17
C ALA A 303 -5.89 17.73 -3.65
N ALA A 304 -4.63 18.12 -3.79
CA ALA A 304 -4.23 19.52 -4.05
C ALA A 304 -4.70 20.04 -5.41
N ASP A 305 -5.08 21.32 -5.45
CA ASP A 305 -5.36 22.04 -6.71
C ASP A 305 -4.10 22.17 -7.56
#